data_3UVL
#
_entry.id   3UVL
#
_cell.length_a   80.980
_cell.length_b   86.221
_cell.length_c   40.483
_cell.angle_alpha   90.00
_cell.angle_beta   90.00
_cell.angle_gamma   90.00
#
_symmetry.space_group_name_H-M   'P 21 21 2'
#
loop_
_entity.id
_entity.type
_entity.pdbx_description
1 polymer 'WD repeat-containing protein 5'
2 polymer 'Histone-lysine N-methyltransferase MLL3'
3 water water
#
loop_
_entity_poly.entity_id
_entity_poly.type
_entity_poly.pdbx_seq_one_letter_code
_entity_poly.pdbx_strand_id
1 'polypeptide(L)'
;GAMGSSATQSKPTPVKPNYALKFTLAGHTKAVSSVKFSPNGEWLASSSADKLIKIWGAYDGKFEKTISGHKLGISDVAWS
SDSNLLVSASDDKTLKIWDVSSGKCLKTLKGHSNYVFCCNFNPQSNLIVSGSFDESVRIWDVKTGKCLKTLPAHSDPVSA
VHFNRDGSLIVSSSYDGLCRIWDTASGQCLKTLIDDDNPPVSFVKFSPNGKYILAATLDNTLKLWDYSKGKCLKTYTGHK
NEKYCIFANFSVTGGKWIVSGSEDNLVYIWNLQTKEIVQKLQGHTDVVISTACHPTENIIASAALENDKTIKLWKSDC
;
A
2 'polypeptide(L)' GSARAEPKMSA B
#
# COMPACT_ATOMS: atom_id res chain seq x y z
N VAL A 15 22.46 -10.48 12.63
CA VAL A 15 22.25 -10.59 11.20
C VAL A 15 21.50 -9.36 10.68
N LYS A 16 22.10 -8.70 9.68
CA LYS A 16 21.60 -7.51 8.98
C LYS A 16 21.42 -7.89 7.51
N PRO A 17 20.48 -7.28 6.74
CA PRO A 17 20.39 -7.63 5.33
C PRO A 17 21.44 -6.88 4.53
N ASN A 18 21.66 -7.30 3.29
CA ASN A 18 22.64 -6.70 2.41
C ASN A 18 21.98 -6.22 1.09
N TYR A 19 20.85 -5.45 1.19
CA TYR A 19 20.13 -4.91 0.01
C TYR A 19 20.98 -3.95 -0.80
N ALA A 20 21.15 -4.27 -2.08
CA ALA A 20 21.91 -3.47 -3.01
C ALA A 20 21.05 -3.30 -4.24
N LEU A 21 21.17 -2.13 -4.87
CA LEU A 21 20.49 -1.71 -6.09
C LEU A 21 20.80 -2.62 -7.24
N LYS A 22 19.78 -3.12 -7.93
CA LYS A 22 19.99 -3.98 -9.08
C LYS A 22 19.46 -3.33 -10.30
N PHE A 23 18.27 -2.71 -10.22
CA PHE A 23 17.63 -2.06 -11.36
C PHE A 23 16.92 -0.79 -10.97
N THR A 24 16.90 0.20 -11.89
CA THR A 24 16.15 1.44 -11.75
C THR A 24 15.16 1.44 -12.89
N LEU A 25 13.87 1.62 -12.58
CA LEU A 25 12.81 1.52 -13.56
C LEU A 25 12.23 2.87 -13.87
N ALA A 26 12.55 3.40 -15.05
CA ALA A 26 12.09 4.69 -15.54
C ALA A 26 11.02 4.53 -16.62
N GLY A 27 10.03 5.42 -16.61
CA GLY A 27 8.93 5.36 -17.56
C GLY A 27 7.79 6.28 -17.21
N HIS A 28 7.39 6.35 -15.93
CA HIS A 28 6.33 7.27 -15.51
C HIS A 28 6.85 8.70 -15.69
N THR A 29 5.97 9.61 -16.12
CA THR A 29 6.28 11.00 -16.40
C THR A 29 5.82 11.93 -15.25
N LYS A 30 5.21 11.37 -14.21
CA LYS A 30 4.78 12.07 -13.00
C LYS A 30 5.07 11.12 -11.84
N ALA A 31 5.01 11.62 -10.59
CA ALA A 31 5.18 10.90 -9.32
C ALA A 31 4.62 9.50 -9.35
N VAL A 32 5.39 8.53 -8.87
CA VAL A 32 4.90 7.15 -8.75
C VAL A 32 4.21 7.11 -7.38
N SER A 33 3.00 6.53 -7.32
CA SER A 33 2.25 6.49 -6.06
C SER A 33 2.32 5.17 -5.29
N SER A 34 2.41 4.04 -6.02
CA SER A 34 2.37 2.72 -5.37
C SER A 34 3.01 1.65 -6.25
N VAL A 35 3.75 0.72 -5.63
CA VAL A 35 4.36 -0.44 -6.30
C VAL A 35 3.92 -1.71 -5.54
N LYS A 36 3.56 -2.79 -6.27
CA LYS A 36 3.11 -4.07 -5.67
C LYS A 36 3.61 -5.26 -6.53
N PHE A 37 4.16 -6.29 -5.87
CA PHE A 37 4.60 -7.50 -6.56
C PHE A 37 3.39 -8.42 -6.75
N SER A 38 3.29 -9.07 -7.93
CA SER A 38 2.17 -10.00 -8.10
C SER A 38 2.36 -11.21 -7.13
N PRO A 39 1.27 -11.79 -6.58
CA PRO A 39 1.44 -12.93 -5.67
C PRO A 39 2.26 -14.09 -6.25
N ASN A 40 2.27 -14.28 -7.61
CA ASN A 40 3.05 -15.36 -8.24
C ASN A 40 4.55 -15.04 -8.34
N GLY A 41 4.94 -13.81 -7.92
CA GLY A 41 6.30 -13.28 -7.90
C GLY A 41 6.92 -12.88 -9.22
N GLU A 42 6.16 -12.98 -10.32
CA GLU A 42 6.64 -12.72 -11.69
C GLU A 42 6.69 -11.23 -12.04
N TRP A 43 5.73 -10.44 -11.52
CA TRP A 43 5.59 -9.07 -11.94
C TRP A 43 5.59 -8.05 -10.84
N LEU A 44 5.84 -6.80 -11.26
CA LEU A 44 5.68 -5.62 -10.41
C LEU A 44 4.72 -4.69 -11.15
N ALA A 45 3.71 -4.16 -10.43
CA ALA A 45 2.75 -3.23 -11.00
C ALA A 45 2.98 -1.90 -10.31
N SER A 46 3.01 -0.82 -11.09
CA SER A 46 3.18 0.53 -10.55
C SER A 46 2.04 1.43 -10.99
N SER A 47 1.58 2.29 -10.07
CA SER A 47 0.56 3.28 -10.35
C SER A 47 1.21 4.65 -10.21
N SER A 48 0.71 5.65 -10.95
CA SER A 48 1.33 6.98 -10.92
C SER A 48 0.32 8.13 -11.06
N ALA A 49 0.76 9.35 -10.70
CA ALA A 49 0.01 10.60 -10.88
C ALA A 49 -0.17 10.90 -12.39
N ASP A 50 0.55 10.20 -13.30
CA ASP A 50 0.44 10.34 -14.76
C ASP A 50 -0.78 9.56 -15.34
N LYS A 51 -1.66 9.03 -14.44
CA LYS A 51 -2.89 8.30 -14.74
C LYS A 51 -2.63 6.91 -15.27
N LEU A 52 -1.38 6.44 -15.22
CA LEU A 52 -1.10 5.14 -15.81
C LEU A 52 -0.75 4.09 -14.83
N ILE A 53 -0.97 2.86 -15.24
CA ILE A 53 -0.47 1.67 -14.53
C ILE A 53 0.62 1.11 -15.45
N LYS A 54 1.77 0.76 -14.89
CA LYS A 54 2.84 0.10 -15.64
C LYS A 54 3.12 -1.27 -15.07
N ILE A 55 3.49 -2.22 -15.93
CA ILE A 55 3.82 -3.58 -15.52
C ILE A 55 5.28 -3.77 -15.85
N TRP A 56 6.04 -4.41 -14.92
CA TRP A 56 7.50 -4.66 -15.03
C TRP A 56 7.84 -6.07 -14.54
N GLY A 57 8.86 -6.68 -15.12
CA GLY A 57 9.38 -7.99 -14.67
C GLY A 57 9.97 -7.82 -13.28
N ALA A 58 9.58 -8.67 -12.32
CA ALA A 58 10.00 -8.56 -10.92
C ALA A 58 11.48 -8.85 -10.67
N TYR A 59 12.09 -9.68 -11.50
CA TYR A 59 13.50 -10.07 -11.33
C TYR A 59 14.48 -9.27 -12.18
N ASP A 60 14.08 -8.85 -13.40
CA ASP A 60 14.98 -8.15 -14.34
C ASP A 60 14.62 -6.68 -14.56
N GLY A 61 13.57 -6.18 -13.90
CA GLY A 61 13.10 -4.80 -14.07
C GLY A 61 12.65 -4.40 -15.47
N LYS A 62 12.56 -5.39 -16.39
CA LYS A 62 12.18 -5.22 -17.78
C LYS A 62 10.74 -4.67 -17.91
N PHE A 63 10.59 -3.50 -18.54
CA PHE A 63 9.28 -2.89 -18.78
C PHE A 63 8.43 -3.85 -19.59
N GLU A 64 7.20 -4.11 -19.13
CA GLU A 64 6.30 -5.05 -19.80
C GLU A 64 5.21 -4.36 -20.62
N LYS A 65 4.36 -3.53 -19.99
CA LYS A 65 3.26 -2.82 -20.66
C LYS A 65 2.68 -1.68 -19.81
N THR A 66 1.87 -0.83 -20.49
CA THR A 66 1.15 0.28 -19.88
C THR A 66 -0.32 -0.05 -19.96
N ILE A 67 -1.04 0.22 -18.88
CA ILE A 67 -2.49 0.03 -18.75
C ILE A 67 -3.07 1.43 -18.44
N SER A 68 -3.99 1.89 -19.29
CA SER A 68 -4.59 3.24 -19.25
C SER A 68 -6.11 3.18 -19.19
N GLY A 69 -6.70 4.28 -18.74
CA GLY A 69 -8.15 4.41 -18.65
C GLY A 69 -8.62 5.44 -17.65
N HIS A 70 -7.93 5.55 -16.49
CA HIS A 70 -8.31 6.53 -15.49
C HIS A 70 -8.24 7.96 -16.04
N LYS A 71 -9.19 8.79 -15.62
CA LYS A 71 -9.26 10.18 -16.11
C LYS A 71 -8.34 11.10 -15.29
N LEU A 72 -7.95 10.67 -14.10
CA LEU A 72 -7.04 11.43 -13.24
C LEU A 72 -6.02 10.46 -12.64
N GLY A 73 -5.02 10.98 -11.93
CA GLY A 73 -3.96 10.17 -11.35
C GLY A 73 -4.45 9.08 -10.42
N ILE A 74 -3.60 8.06 -10.22
CA ILE A 74 -3.89 6.89 -9.39
C ILE A 74 -3.03 6.95 -8.13
N SER A 75 -3.62 6.65 -6.95
CA SER A 75 -2.91 6.66 -5.67
C SER A 75 -2.53 5.27 -5.22
N ASP A 76 -3.18 4.23 -5.79
CA ASP A 76 -2.96 2.86 -5.35
C ASP A 76 -3.36 1.86 -6.42
N VAL A 77 -2.76 0.68 -6.32
CA VAL A 77 -2.95 -0.47 -7.19
C VAL A 77 -2.79 -1.75 -6.31
N ALA A 78 -3.50 -2.84 -6.66
CA ALA A 78 -3.42 -4.10 -5.91
C ALA A 78 -3.70 -5.26 -6.87
N TRP A 79 -3.12 -6.43 -6.60
CA TRP A 79 -3.28 -7.62 -7.44
C TRP A 79 -4.31 -8.58 -6.88
N SER A 80 -4.99 -9.34 -7.76
CA SER A 80 -5.83 -10.43 -7.27
C SER A 80 -4.87 -11.57 -6.84
N SER A 81 -5.36 -12.55 -6.05
CA SER A 81 -4.56 -13.69 -5.53
C SER A 81 -3.98 -14.61 -6.59
N ASP A 82 -4.67 -14.73 -7.75
CA ASP A 82 -4.22 -15.55 -8.88
C ASP A 82 -3.28 -14.73 -9.81
N SER A 83 -3.00 -13.44 -9.48
CA SER A 83 -2.12 -12.52 -10.25
C SER A 83 -2.65 -12.13 -11.67
N ASN A 84 -3.95 -12.37 -11.96
CA ASN A 84 -4.56 -12.11 -13.26
C ASN A 84 -5.23 -10.75 -13.38
N LEU A 85 -5.64 -10.19 -12.24
CA LEU A 85 -6.32 -8.92 -12.21
C LEU A 85 -5.60 -7.91 -11.35
N LEU A 86 -5.88 -6.64 -11.66
CA LEU A 86 -5.43 -5.50 -10.85
C LEU A 86 -6.65 -4.67 -10.53
N VAL A 87 -6.60 -3.98 -9.38
CA VAL A 87 -7.56 -2.97 -9.00
C VAL A 87 -6.76 -1.68 -8.75
N SER A 88 -7.21 -0.56 -9.29
CA SER A 88 -6.53 0.72 -9.11
C SER A 88 -7.49 1.72 -8.44
N ALA A 89 -6.96 2.64 -7.61
CA ALA A 89 -7.72 3.66 -6.86
C ALA A 89 -7.31 5.05 -7.39
N SER A 90 -8.25 5.82 -7.94
CA SER A 90 -7.93 7.09 -8.60
C SER A 90 -8.61 8.32 -8.04
N ASP A 91 -8.00 9.50 -8.28
CA ASP A 91 -8.55 10.82 -7.97
C ASP A 91 -9.83 11.05 -8.76
N ASP A 92 -10.04 10.29 -9.89
CA ASP A 92 -11.24 10.42 -10.72
C ASP A 92 -12.53 9.91 -9.99
N LYS A 93 -12.39 9.54 -8.70
CA LYS A 93 -13.45 9.04 -7.77
C LYS A 93 -13.89 7.60 -8.06
N THR A 94 -13.17 6.90 -8.91
CA THR A 94 -13.51 5.52 -9.24
C THR A 94 -12.37 4.59 -8.93
N LEU A 95 -12.70 3.29 -8.95
CA LEU A 95 -11.72 2.22 -8.96
C LEU A 95 -11.94 1.49 -10.30
N LYS A 96 -10.91 0.90 -10.87
CA LYS A 96 -11.08 0.12 -12.08
C LYS A 96 -10.49 -1.26 -11.88
N ILE A 97 -11.16 -2.29 -12.42
CA ILE A 97 -10.69 -3.68 -12.37
C ILE A 97 -10.15 -3.97 -13.74
N TRP A 98 -8.92 -4.47 -13.79
CA TRP A 98 -8.23 -4.74 -15.05
C TRP A 98 -7.83 -6.19 -15.20
N ASP A 99 -8.00 -6.71 -16.42
CA ASP A 99 -7.52 -8.03 -16.79
C ASP A 99 -6.11 -7.70 -17.31
N VAL A 100 -5.07 -8.13 -16.55
CA VAL A 100 -3.67 -7.83 -16.85
C VAL A 100 -3.20 -8.22 -18.24
N SER A 101 -3.36 -9.51 -18.64
CA SER A 101 -2.89 -10.01 -19.96
C SER A 101 -3.47 -9.25 -21.17
N SER A 102 -4.75 -8.90 -21.12
CA SER A 102 -5.37 -8.21 -22.24
C SER A 102 -5.28 -6.68 -22.11
N GLY A 103 -5.08 -6.18 -20.87
CA GLY A 103 -5.09 -4.75 -20.58
C GLY A 103 -6.50 -4.16 -20.51
N LYS A 104 -7.54 -5.00 -20.66
CA LYS A 104 -8.95 -4.56 -20.65
C LYS A 104 -9.37 -4.03 -19.28
N CYS A 105 -10.27 -3.03 -19.29
CA CYS A 105 -10.90 -2.59 -18.06
C CYS A 105 -12.18 -3.43 -17.90
N LEU A 106 -12.20 -4.38 -16.95
CA LEU A 106 -13.38 -5.23 -16.72
C LEU A 106 -14.54 -4.49 -16.08
N LYS A 107 -14.25 -3.64 -15.06
CA LYS A 107 -15.30 -2.88 -14.36
C LYS A 107 -14.75 -1.57 -13.93
N THR A 108 -15.65 -0.57 -13.84
CA THR A 108 -15.39 0.74 -13.28
C THR A 108 -16.30 0.77 -12.04
N LEU A 109 -15.68 0.92 -10.86
CA LEU A 109 -16.33 0.92 -9.53
C LEU A 109 -16.68 2.35 -9.16
N LYS A 110 -17.96 2.70 -9.18
CA LYS A 110 -18.44 4.06 -8.90
C LYS A 110 -19.26 4.11 -7.64
N GLY A 111 -19.07 5.15 -6.83
CA GLY A 111 -19.83 5.31 -5.62
C GLY A 111 -19.20 6.33 -4.68
N HIS A 112 -17.88 6.39 -4.69
CA HIS A 112 -17.14 7.34 -3.85
C HIS A 112 -17.38 8.73 -4.39
N SER A 113 -17.48 9.69 -3.47
CA SER A 113 -17.79 11.07 -3.82
C SER A 113 -16.58 11.96 -3.76
N ASN A 114 -15.39 11.35 -3.57
CA ASN A 114 -14.10 12.06 -3.53
C ASN A 114 -13.01 11.07 -3.91
N TYR A 115 -11.75 11.55 -4.01
CA TYR A 115 -10.60 10.73 -4.39
C TYR A 115 -10.63 9.38 -3.74
N VAL A 116 -10.44 8.31 -4.54
CA VAL A 116 -10.27 6.98 -4.01
C VAL A 116 -8.75 6.86 -3.77
N PHE A 117 -8.37 6.63 -2.52
CA PHE A 117 -6.98 6.64 -2.09
C PHE A 117 -6.29 5.30 -2.01
N CYS A 118 -6.98 4.28 -1.54
CA CYS A 118 -6.39 2.97 -1.28
C CYS A 118 -7.36 1.89 -1.66
N CYS A 119 -6.82 0.69 -1.94
CA CYS A 119 -7.59 -0.48 -2.37
C CYS A 119 -6.86 -1.77 -2.12
N ASN A 120 -7.62 -2.88 -2.03
CA ASN A 120 -7.08 -4.22 -1.85
C ASN A 120 -8.12 -5.26 -2.18
N PHE A 121 -7.69 -6.42 -2.69
CA PHE A 121 -8.55 -7.57 -2.94
C PHE A 121 -8.51 -8.36 -1.65
N ASN A 122 -9.53 -9.20 -1.39
CA ASN A 122 -9.47 -10.10 -0.26
C ASN A 122 -8.73 -11.37 -0.76
N PRO A 123 -8.28 -12.30 0.13
CA PRO A 123 -7.61 -13.52 -0.38
C PRO A 123 -8.38 -14.34 -1.45
N GLN A 124 -9.69 -14.54 -1.25
CA GLN A 124 -10.52 -15.28 -2.22
C GLN A 124 -10.61 -14.50 -3.55
N SER A 125 -10.38 -13.16 -3.48
CA SER A 125 -10.38 -12.20 -4.58
C SER A 125 -11.75 -12.03 -5.23
N ASN A 126 -12.82 -12.33 -4.48
CA ASN A 126 -14.19 -12.11 -4.94
C ASN A 126 -14.62 -10.71 -4.47
N LEU A 127 -13.87 -10.11 -3.52
CA LEU A 127 -14.17 -8.78 -2.98
C LEU A 127 -13.01 -7.82 -3.14
N ILE A 128 -13.33 -6.52 -3.18
CA ILE A 128 -12.38 -5.43 -3.21
C ILE A 128 -12.79 -4.49 -2.08
N VAL A 129 -11.80 -4.04 -1.31
CA VAL A 129 -11.99 -3.02 -0.29
C VAL A 129 -11.30 -1.75 -0.81
N SER A 130 -11.92 -0.58 -0.57
CA SER A 130 -11.37 0.71 -0.99
C SER A 130 -11.55 1.72 0.12
N GLY A 131 -10.66 2.71 0.16
CA GLY A 131 -10.75 3.83 1.10
C GLY A 131 -10.68 5.12 0.34
N SER A 132 -11.36 6.16 0.81
CA SER A 132 -11.44 7.42 0.09
C SER A 132 -11.34 8.66 0.96
N PHE A 133 -11.15 9.82 0.32
CA PHE A 133 -11.13 11.15 0.96
C PHE A 133 -12.54 11.50 1.42
N ASP A 134 -13.58 10.79 0.87
CA ASP A 134 -15.00 10.98 1.26
C ASP A 134 -15.28 10.40 2.65
N GLU A 135 -14.24 9.85 3.33
CA GLU A 135 -14.24 9.30 4.71
C GLU A 135 -14.85 7.94 4.85
N SER A 136 -15.21 7.30 3.75
CA SER A 136 -15.86 6.00 3.82
C SER A 136 -14.91 4.88 3.39
N VAL A 137 -15.30 3.64 3.71
CA VAL A 137 -14.66 2.40 3.29
C VAL A 137 -15.77 1.70 2.53
N ARG A 138 -15.49 1.26 1.30
CA ARG A 138 -16.48 0.55 0.50
C ARG A 138 -16.03 -0.87 0.23
N ILE A 139 -17.00 -1.81 0.23
CA ILE A 139 -16.73 -3.23 -0.08
C ILE A 139 -17.45 -3.50 -1.38
N TRP A 140 -16.69 -3.95 -2.40
CA TRP A 140 -17.21 -4.20 -3.74
C TRP A 140 -17.19 -5.66 -4.18
N ASP A 141 -18.18 -6.04 -4.99
CA ASP A 141 -18.20 -7.37 -5.58
C ASP A 141 -17.41 -7.29 -6.90
N VAL A 142 -16.35 -8.10 -7.02
CA VAL A 142 -15.44 -8.13 -8.17
C VAL A 142 -16.16 -8.47 -9.49
N LYS A 143 -16.97 -9.54 -9.46
CA LYS A 143 -17.70 -10.08 -10.61
C LYS A 143 -18.74 -9.13 -11.19
N THR A 144 -19.49 -8.42 -10.34
CA THR A 144 -20.56 -7.52 -10.77
C THR A 144 -20.16 -6.04 -10.82
N GLY A 145 -19.15 -5.65 -10.03
CA GLY A 145 -18.72 -4.26 -9.97
C GLY A 145 -19.58 -3.43 -9.04
N LYS A 146 -20.53 -4.07 -8.37
CA LYS A 146 -21.45 -3.41 -7.45
C LYS A 146 -20.86 -3.18 -6.06
N CYS A 147 -21.25 -2.09 -5.43
CA CYS A 147 -20.82 -1.76 -4.07
C CYS A 147 -21.74 -2.57 -3.15
N LEU A 148 -21.17 -3.52 -2.40
CA LEU A 148 -21.93 -4.37 -1.48
C LEU A 148 -22.26 -3.68 -0.15
N LYS A 149 -21.31 -2.86 0.37
CA LYS A 149 -21.43 -2.12 1.63
C LYS A 149 -20.63 -0.84 1.60
N THR A 150 -21.16 0.19 2.25
CA THR A 150 -20.50 1.45 2.51
C THR A 150 -20.41 1.56 4.01
N LEU A 151 -19.18 1.51 4.54
CA LEU A 151 -18.95 1.60 5.99
C LEU A 151 -18.75 3.08 6.37
N PRO A 152 -19.47 3.63 7.40
CA PRO A 152 -19.24 5.05 7.77
C PRO A 152 -18.00 5.09 8.67
N ALA A 153 -16.90 4.59 8.12
CA ALA A 153 -15.63 4.31 8.76
C ALA A 153 -14.97 5.36 9.61
N HIS A 154 -14.82 6.55 9.06
CA HIS A 154 -14.03 7.58 9.71
C HIS A 154 -14.62 8.96 9.56
N SER A 155 -13.97 9.97 10.18
CA SER A 155 -14.40 11.37 10.12
C SER A 155 -13.36 12.23 9.41
N ASP A 156 -12.48 11.58 8.63
CA ASP A 156 -11.42 12.19 7.82
C ASP A 156 -10.98 11.21 6.72
N PRO A 157 -10.20 11.68 5.70
CA PRO A 157 -9.76 10.75 4.64
C PRO A 157 -9.22 9.42 5.13
N VAL A 158 -9.58 8.34 4.43
CA VAL A 158 -9.12 6.98 4.72
C VAL A 158 -7.80 6.79 3.99
N SER A 159 -6.75 6.55 4.75
CA SER A 159 -5.41 6.44 4.20
C SER A 159 -5.02 5.04 3.76
N ALA A 160 -5.62 3.97 4.37
CA ALA A 160 -5.31 2.58 4.00
C ALA A 160 -6.43 1.64 4.36
N VAL A 161 -6.52 0.51 3.63
CA VAL A 161 -7.48 -0.56 3.83
C VAL A 161 -6.77 -1.86 3.50
N HIS A 162 -6.97 -2.90 4.32
CA HIS A 162 -6.33 -4.19 4.09
C HIS A 162 -7.16 -5.31 4.70
N PHE A 163 -7.26 -6.46 4.00
CA PHE A 163 -7.97 -7.62 4.52
C PHE A 163 -6.96 -8.47 5.29
N ASN A 164 -7.41 -9.24 6.27
CA ASN A 164 -6.54 -10.17 6.98
C ASN A 164 -6.40 -11.46 6.08
N ARG A 165 -5.66 -12.45 6.61
CA ARG A 165 -5.30 -13.74 6.02
C ARG A 165 -6.48 -14.52 5.44
N ASP A 166 -7.62 -14.58 6.13
CA ASP A 166 -8.79 -15.32 5.63
C ASP A 166 -9.91 -14.41 5.10
N GLY A 167 -9.64 -13.11 5.01
CA GLY A 167 -10.55 -12.09 4.50
C GLY A 167 -11.75 -11.79 5.36
N SER A 168 -11.79 -12.30 6.61
CA SER A 168 -12.92 -12.11 7.55
C SER A 168 -12.85 -10.74 8.22
N LEU A 169 -11.68 -10.08 8.16
CA LEU A 169 -11.51 -8.75 8.73
C LEU A 169 -10.94 -7.75 7.75
N ILE A 170 -11.28 -6.49 7.95
CA ILE A 170 -10.72 -5.35 7.24
C ILE A 170 -10.14 -4.43 8.27
N VAL A 171 -8.91 -3.95 8.03
CA VAL A 171 -8.32 -2.91 8.87
C VAL A 171 -8.31 -1.61 8.04
N SER A 172 -8.75 -0.48 8.64
CA SER A 172 -8.70 0.82 7.96
C SER A 172 -7.98 1.85 8.85
N SER A 173 -7.38 2.86 8.20
CA SER A 173 -6.69 3.94 8.92
C SER A 173 -7.12 5.27 8.34
N SER A 174 -7.04 6.34 9.15
CA SER A 174 -7.50 7.64 8.68
C SER A 174 -6.73 8.79 9.31
N TYR A 175 -6.85 9.98 8.72
CA TYR A 175 -6.28 11.23 9.21
C TYR A 175 -6.97 11.61 10.55
N ASP A 176 -8.10 10.93 10.90
CA ASP A 176 -8.81 11.15 12.16
C ASP A 176 -8.07 10.55 13.38
N GLY A 177 -6.92 9.92 13.13
CA GLY A 177 -6.08 9.32 14.16
C GLY A 177 -6.47 7.92 14.57
N LEU A 178 -7.45 7.29 13.90
CA LEU A 178 -7.90 5.95 14.28
C LEU A 178 -7.54 4.84 13.30
N CYS A 179 -7.45 3.62 13.83
CA CYS A 179 -7.34 2.38 13.08
C CYS A 179 -8.58 1.64 13.51
N ARG A 180 -9.33 1.10 12.55
CA ARG A 180 -10.54 0.37 12.87
C ARG A 180 -10.55 -1.02 12.24
N ILE A 181 -11.03 -2.01 12.98
CA ILE A 181 -11.14 -3.39 12.52
C ILE A 181 -12.62 -3.63 12.27
N TRP A 182 -12.93 -4.11 11.06
CA TRP A 182 -14.28 -4.35 10.56
C TRP A 182 -14.52 -5.81 10.25
N ASP A 183 -15.72 -6.31 10.53
CA ASP A 183 -16.13 -7.65 10.16
C ASP A 183 -16.56 -7.55 8.68
N THR A 184 -15.86 -8.28 7.80
CA THR A 184 -16.14 -8.27 6.35
C THR A 184 -17.60 -8.58 6.05
N ALA A 185 -18.13 -9.65 6.65
CA ALA A 185 -19.50 -10.12 6.41
C ALA A 185 -20.61 -9.20 6.85
N SER A 186 -20.53 -8.61 8.06
CA SER A 186 -21.60 -7.73 8.60
C SER A 186 -21.37 -6.25 8.38
N GLY A 187 -20.13 -5.85 8.23
CA GLY A 187 -19.78 -4.44 8.08
C GLY A 187 -19.69 -3.73 9.42
N GLN A 188 -19.75 -4.51 10.51
CA GLN A 188 -19.70 -3.99 11.87
C GLN A 188 -18.26 -3.66 12.31
N CYS A 189 -18.13 -2.55 13.03
CA CYS A 189 -16.86 -2.09 13.60
C CYS A 189 -16.57 -2.97 14.79
N LEU A 190 -15.50 -3.77 14.71
CA LEU A 190 -15.17 -4.67 15.81
C LEU A 190 -14.22 -4.05 16.84
N LYS A 191 -13.30 -3.16 16.42
CA LYS A 191 -12.33 -2.51 17.30
C LYS A 191 -11.98 -1.10 16.80
N THR A 192 -11.58 -0.23 17.75
CA THR A 192 -11.07 1.10 17.47
C THR A 192 -9.76 1.22 18.27
N LEU A 193 -8.61 1.42 17.57
CA LEU A 193 -7.32 1.54 18.22
C LEU A 193 -6.97 2.99 18.49
N ILE A 194 -6.86 3.31 19.78
CA ILE A 194 -6.50 4.62 20.33
C ILE A 194 -5.18 4.41 21.06
N ASP A 196 -1.85 6.85 22.99
CA ASP A 196 -1.69 7.81 24.08
C ASP A 196 -2.17 9.16 23.53
N ASP A 197 -2.18 9.28 22.17
CA ASP A 197 -2.62 10.45 21.41
C ASP A 197 -3.28 9.96 20.11
N ASN A 198 -3.75 10.89 19.25
CA ASN A 198 -4.37 10.53 17.97
C ASN A 198 -3.77 11.27 16.74
N PRO A 199 -2.42 11.22 16.49
CA PRO A 199 -1.88 11.85 15.27
C PRO A 199 -2.44 11.19 14.01
N PRO A 200 -2.60 11.92 12.87
CA PRO A 200 -3.16 11.28 11.66
C PRO A 200 -2.53 9.93 11.29
N VAL A 201 -3.35 8.90 11.06
CA VAL A 201 -2.81 7.58 10.69
C VAL A 201 -2.73 7.53 9.17
N SER A 202 -1.50 7.46 8.65
CA SER A 202 -1.19 7.49 7.22
C SER A 202 -1.09 6.12 6.52
N PHE A 203 -1.03 5.03 7.29
CA PHE A 203 -0.93 3.68 6.73
C PHE A 203 -1.21 2.63 7.79
N VAL A 204 -1.83 1.49 7.38
CA VAL A 204 -2.09 0.36 8.24
C VAL A 204 -2.11 -0.90 7.38
N LYS A 205 -1.75 -2.04 7.98
CA LYS A 205 -1.86 -3.37 7.38
C LYS A 205 -1.65 -4.45 8.41
N PHE A 206 -2.31 -5.58 8.19
CA PHE A 206 -2.16 -6.75 9.02
C PHE A 206 -0.84 -7.41 8.71
N SER A 207 -0.33 -8.14 9.70
CA SER A 207 0.87 -8.96 9.63
C SER A 207 0.53 -10.19 8.83
N PRO A 208 1.49 -10.91 8.18
CA PRO A 208 1.10 -12.12 7.41
C PRO A 208 0.29 -13.17 8.17
N ASN A 209 0.48 -13.31 9.50
CA ASN A 209 -0.29 -14.26 10.33
C ASN A 209 -1.67 -13.71 10.76
N GLY A 210 -1.86 -12.39 10.62
CA GLY A 210 -3.11 -11.71 10.95
C GLY A 210 -3.34 -11.36 12.40
N LYS A 211 -2.32 -11.59 13.25
CA LYS A 211 -2.39 -11.34 14.70
C LYS A 211 -2.03 -9.90 15.10
N TYR A 212 -1.23 -9.23 14.26
CA TYR A 212 -0.77 -7.86 14.51
C TYR A 212 -1.12 -6.90 13.37
N ILE A 213 -1.13 -5.60 13.67
CA ILE A 213 -1.31 -4.56 12.65
C ILE A 213 -0.10 -3.60 12.72
N LEU A 214 0.45 -3.24 11.56
CA LEU A 214 1.54 -2.28 11.49
C LEU A 214 0.87 -0.98 11.09
N ALA A 215 1.03 0.08 11.87
CA ALA A 215 0.41 1.40 11.63
C ALA A 215 1.44 2.50 11.62
N ALA A 216 1.34 3.41 10.65
CA ALA A 216 2.24 4.56 10.57
C ALA A 216 1.45 5.82 10.91
N THR A 217 2.10 6.76 11.58
CA THR A 217 1.45 8.00 11.95
C THR A 217 2.33 9.14 11.52
N LEU A 218 1.72 10.29 11.21
CA LEU A 218 2.43 11.49 10.77
C LEU A 218 3.14 12.22 11.90
N ASP A 219 3.88 11.46 12.70
CA ASP A 219 4.74 11.94 13.78
C ASP A 219 6.06 11.13 13.70
N ASN A 220 6.43 10.66 12.49
CA ASN A 220 7.69 9.90 12.20
C ASN A 220 7.79 8.59 12.98
N THR A 221 6.65 7.91 13.16
CA THR A 221 6.56 6.70 13.95
C THR A 221 5.74 5.62 13.27
N LEU A 222 6.26 4.39 13.33
CA LEU A 222 5.62 3.15 12.90
C LEU A 222 5.35 2.33 14.16
N LYS A 223 4.19 1.70 14.24
CA LYS A 223 3.89 0.93 15.45
C LYS A 223 3.33 -0.44 15.13
N LEU A 224 3.78 -1.45 15.89
CA LEU A 224 3.25 -2.80 15.76
C LEU A 224 2.25 -2.99 16.89
N TRP A 225 1.02 -3.25 16.52
CA TRP A 225 -0.07 -3.43 17.46
C TRP A 225 -0.56 -4.85 17.52
N ASP A 226 -0.99 -5.26 18.69
CA ASP A 226 -1.71 -6.49 18.84
C ASP A 226 -3.14 -6.06 18.77
N TYR A 227 -3.86 -6.50 17.77
CA TYR A 227 -5.25 -6.08 17.59
C TYR A 227 -6.24 -6.54 18.68
N SER A 228 -6.17 -7.78 19.10
CA SER A 228 -7.12 -8.23 20.08
C SER A 228 -6.98 -7.47 21.39
N LYS A 229 -5.77 -7.31 21.88
CA LYS A 229 -5.59 -6.74 23.21
C LYS A 229 -5.53 -5.25 23.18
N GLY A 230 -5.44 -4.70 22.00
CA GLY A 230 -5.31 -3.26 21.78
C GLY A 230 -4.03 -2.70 22.36
N LYS A 231 -2.94 -3.49 22.29
CA LYS A 231 -1.65 -3.11 22.88
C LYS A 231 -0.56 -2.87 21.83
N CYS A 232 0.27 -1.82 22.05
CA CYS A 232 1.40 -1.51 21.20
C CYS A 232 2.56 -2.40 21.62
N LEU A 233 3.05 -3.22 20.69
CA LEU A 233 4.14 -4.14 21.03
C LEU A 233 5.48 -3.61 20.65
N LYS A 234 5.58 -2.94 19.49
CA LYS A 234 6.84 -2.39 19.00
C LYS A 234 6.60 -1.00 18.43
N THR A 235 7.63 -0.16 18.50
CA THR A 235 7.69 1.20 17.93
C THR A 235 8.99 1.30 17.12
N TYR A 236 8.92 1.79 15.87
CA TYR A 236 10.05 1.96 14.95
C TYR A 236 10.17 3.42 14.55
N THR A 237 11.35 4.03 14.77
CA THR A 237 11.59 5.44 14.39
C THR A 237 12.96 5.58 13.70
N GLY A 238 13.37 6.83 13.45
CA GLY A 238 14.63 7.15 12.81
C GLY A 238 14.44 7.70 11.41
N HIS A 239 13.24 7.42 10.82
CA HIS A 239 12.84 7.86 9.47
C HIS A 239 12.03 9.18 9.53
N LYS A 240 11.73 9.78 8.37
CA LYS A 240 10.92 11.00 8.33
C LYS A 240 9.55 10.70 7.66
N ASN A 241 8.46 10.96 8.39
CA ASN A 241 7.10 10.75 7.90
C ASN A 241 6.12 11.68 8.62
N GLU A 242 5.81 12.82 7.97
CA GLU A 242 4.95 13.86 8.54
C GLU A 242 3.94 14.41 7.55
N LYS A 243 4.09 14.07 6.24
CA LYS A 243 3.19 14.65 5.23
C LYS A 243 2.57 13.67 4.26
N TYR A 244 3.19 12.50 4.11
CA TYR A 244 2.80 11.51 3.09
C TYR A 244 2.35 10.17 3.65
N CYS A 245 1.47 9.51 2.92
CA CYS A 245 0.93 8.20 3.24
C CYS A 245 1.85 7.16 2.60
N ILE A 246 2.91 6.86 3.32
CA ILE A 246 3.97 5.96 2.91
C ILE A 246 3.62 4.53 3.27
N PHE A 247 3.77 3.61 2.30
CA PHE A 247 3.52 2.19 2.54
C PHE A 247 4.63 1.58 3.41
N ALA A 248 4.25 0.71 4.33
CA ALA A 248 5.22 -0.03 5.12
C ALA A 248 4.96 -1.52 4.89
N ASN A 249 5.95 -2.39 5.17
CA ASN A 249 5.80 -3.84 4.96
C ASN A 249 6.48 -4.68 6.02
N PHE A 250 6.13 -5.97 6.06
CA PHE A 250 6.77 -7.00 6.86
C PHE A 250 7.57 -7.80 5.81
N SER A 251 8.90 -7.84 5.95
CA SER A 251 9.76 -8.64 5.06
C SER A 251 9.92 -9.98 5.77
N VAL A 252 9.49 -11.08 5.12
CA VAL A 252 9.47 -12.42 5.75
C VAL A 252 10.24 -13.50 5.00
N THR A 253 10.80 -13.19 3.81
CA THR A 253 11.54 -14.15 2.98
C THR A 253 12.89 -14.56 3.56
N GLY A 254 13.55 -13.65 4.25
CA GLY A 254 14.85 -13.91 4.90
C GLY A 254 14.72 -13.59 6.37
N GLY A 255 15.44 -12.56 6.82
CA GLY A 255 15.32 -12.11 8.19
C GLY A 255 13.99 -11.38 8.37
N LYS A 256 13.51 -11.25 9.62
CA LYS A 256 12.23 -10.59 9.90
C LYS A 256 12.43 -9.10 10.10
N TRP A 257 12.09 -8.32 9.05
CA TRP A 257 12.25 -6.86 9.02
C TRP A 257 10.96 -6.13 8.86
N ILE A 258 11.02 -4.82 9.06
CA ILE A 258 9.98 -3.84 8.79
C ILE A 258 10.66 -2.98 7.75
N VAL A 259 9.96 -2.74 6.65
CA VAL A 259 10.46 -1.95 5.53
C VAL A 259 9.53 -0.77 5.33
N SER A 260 10.08 0.43 5.17
CA SER A 260 9.28 1.62 4.91
C SER A 260 10.05 2.63 4.10
N GLY A 261 9.31 3.41 3.34
CA GLY A 261 9.85 4.55 2.62
C GLY A 261 10.04 5.67 3.63
N SER A 262 10.42 6.86 3.18
CA SER A 262 10.72 7.97 4.11
C SER A 262 10.78 9.29 3.33
N GLU A 263 10.45 10.40 3.98
CA GLU A 263 10.50 11.73 3.37
C GLU A 263 11.94 12.29 3.22
N ASP A 264 12.96 11.54 3.72
CA ASP A 264 14.36 11.91 3.54
C ASP A 264 14.97 11.17 2.31
N ASN A 265 14.11 10.61 1.41
CA ASN A 265 14.45 9.88 0.17
C ASN A 265 15.15 8.53 0.39
N LEU A 266 14.98 7.92 1.56
CA LEU A 266 15.62 6.64 1.85
C LEU A 266 14.63 5.54 2.11
N VAL A 267 15.05 4.28 1.88
CA VAL A 267 14.27 3.10 2.25
C VAL A 267 14.89 2.68 3.59
N TYR A 268 14.06 2.54 4.64
CA TYR A 268 14.51 2.14 5.97
C TYR A 268 14.13 0.67 6.23
N ILE A 269 15.03 -0.06 6.83
CA ILE A 269 14.81 -1.46 7.21
C ILE A 269 15.14 -1.62 8.71
N TRP A 270 14.19 -2.14 9.50
CA TRP A 270 14.38 -2.34 10.95
C TRP A 270 14.35 -3.83 11.23
N ASN A 271 15.04 -4.28 12.28
CA ASN A 271 14.89 -5.66 12.75
C ASN A 271 13.54 -5.59 13.48
N LEU A 272 12.56 -6.41 13.06
CA LEU A 272 11.23 -6.38 13.66
C LEU A 272 11.26 -6.46 15.21
N GLN A 273 12.05 -7.41 15.77
CA GLN A 273 12.15 -7.64 17.21
C GLN A 273 12.86 -6.57 18.04
N THR A 274 14.11 -6.21 17.66
CA THR A 274 14.95 -5.27 18.42
C THR A 274 14.60 -3.80 18.17
N LYS A 275 13.90 -3.51 17.06
CA LYS A 275 13.46 -2.16 16.61
C LYS A 275 14.60 -1.27 16.10
N GLU A 276 15.81 -1.85 15.95
CA GLU A 276 17.00 -1.15 15.48
C GLU A 276 16.96 -1.04 13.96
N ILE A 277 17.49 0.06 13.42
CA ILE A 277 17.61 0.26 11.98
C ILE A 277 18.77 -0.67 11.57
N VAL A 278 18.52 -1.56 10.61
CA VAL A 278 19.52 -2.53 10.11
C VAL A 278 20.04 -2.15 8.72
N GLN A 279 19.34 -1.24 8.01
CA GLN A 279 19.75 -0.75 6.69
C GLN A 279 18.99 0.50 6.26
N LYS A 280 19.69 1.40 5.56
CA LYS A 280 19.12 2.59 4.94
C LYS A 280 19.57 2.55 3.46
N LEU A 281 18.62 2.59 2.53
CA LEU A 281 18.93 2.55 1.10
C LEU A 281 19.00 3.95 0.51
N GLN A 282 20.10 4.25 -0.17
CA GLN A 282 20.29 5.55 -0.78
C GLN A 282 20.22 5.37 -2.29
N GLY A 283 19.61 6.31 -2.99
CA GLY A 283 19.42 6.21 -4.42
C GLY A 283 18.36 7.14 -4.97
N HIS A 284 17.23 7.20 -4.28
CA HIS A 284 16.13 8.06 -4.70
C HIS A 284 16.50 9.54 -4.56
N THR A 285 15.75 10.39 -5.25
CA THR A 285 16.00 11.84 -5.22
C THR A 285 14.76 12.64 -4.76
N ASP A 286 13.69 11.92 -4.41
CA ASP A 286 12.46 12.48 -3.85
C ASP A 286 11.91 11.49 -2.82
N VAL A 287 10.86 11.89 -2.10
CA VAL A 287 10.18 11.10 -1.08
C VAL A 287 9.95 9.66 -1.55
N VAL A 288 10.35 8.69 -0.75
CA VAL A 288 10.07 7.29 -1.08
C VAL A 288 8.68 7.00 -0.52
N ILE A 289 7.69 7.10 -1.40
CA ILE A 289 6.29 6.94 -1.05
C ILE A 289 5.90 5.47 -0.88
N SER A 290 6.57 4.56 -1.55
CA SER A 290 6.11 3.19 -1.54
C SER A 290 7.22 2.22 -1.58
N THR A 291 7.03 1.11 -0.87
CA THR A 291 7.95 -0.02 -0.86
C THR A 291 7.10 -1.27 -0.89
N ALA A 292 7.64 -2.34 -1.46
CA ALA A 292 6.95 -3.62 -1.51
C ALA A 292 8.02 -4.68 -1.34
N CYS A 293 7.66 -5.85 -0.75
CA CYS A 293 8.58 -6.96 -0.54
C CYS A 293 8.13 -8.14 -1.40
N HIS A 294 9.04 -8.73 -2.20
CA HIS A 294 8.76 -9.89 -3.05
C HIS A 294 8.22 -11.08 -2.23
N PRO A 295 7.21 -11.84 -2.72
CA PRO A 295 6.64 -12.91 -1.88
C PRO A 295 7.55 -14.09 -1.58
N THR A 296 8.58 -14.37 -2.42
CA THR A 296 9.48 -15.53 -2.21
C THR A 296 11.00 -15.22 -2.22
N GLU A 297 11.41 -14.11 -2.84
CA GLU A 297 12.83 -13.74 -2.92
C GLU A 297 13.09 -12.48 -2.10
N ASN A 298 14.31 -12.34 -1.58
CA ASN A 298 14.71 -11.17 -0.80
C ASN A 298 14.92 -9.98 -1.73
N ILE A 299 13.80 -9.45 -2.26
CA ILE A 299 13.78 -8.31 -3.19
C ILE A 299 12.79 -7.26 -2.70
N ILE A 300 13.24 -6.00 -2.62
CA ILE A 300 12.42 -4.85 -2.25
C ILE A 300 12.24 -3.99 -3.49
N ALA A 301 11.00 -3.51 -3.75
CA ALA A 301 10.78 -2.55 -4.82
C ALA A 301 10.51 -1.24 -4.11
N SER A 302 11.06 -0.14 -4.57
CA SER A 302 10.79 1.18 -3.96
C SER A 302 10.36 2.16 -5.06
N ALA A 303 9.55 3.17 -4.74
CA ALA A 303 9.02 4.16 -5.70
C ALA A 303 9.08 5.55 -5.12
N ALA A 304 9.38 6.56 -5.94
CA ALA A 304 9.52 7.93 -5.44
C ALA A 304 8.60 8.94 -6.11
N LEU A 305 8.49 10.13 -5.50
CA LEU A 305 7.61 11.21 -5.93
C LEU A 305 8.05 12.05 -7.11
N GLU A 306 7.27 13.12 -7.43
CA GLU A 306 7.39 13.97 -8.61
C GLU A 306 8.80 14.30 -9.14
N ASN A 307 9.74 14.59 -8.23
CA ASN A 307 11.08 15.03 -8.61
C ASN A 307 12.01 13.89 -8.97
N ASP A 308 11.58 12.65 -8.74
CA ASP A 308 12.37 11.48 -9.05
C ASP A 308 11.73 10.66 -10.16
N LYS A 309 10.47 10.20 -9.97
CA LYS A 309 9.62 9.42 -10.91
C LYS A 309 10.08 7.98 -11.18
N THR A 310 11.15 7.50 -10.52
CA THR A 310 11.66 6.15 -10.77
C THR A 310 11.29 5.13 -9.70
N ILE A 311 11.41 3.85 -10.06
CA ILE A 311 11.15 2.71 -9.22
C ILE A 311 12.48 1.98 -9.10
N LYS A 312 12.87 1.52 -7.92
CA LYS A 312 14.13 0.79 -7.72
C LYS A 312 13.89 -0.63 -7.22
N LEU A 313 14.71 -1.56 -7.67
CA LEU A 313 14.66 -2.97 -7.30
C LEU A 313 15.96 -3.27 -6.61
N TRP A 314 15.87 -3.73 -5.36
CA TRP A 314 17.02 -4.02 -4.50
C TRP A 314 16.96 -5.46 -4.06
N LYS A 315 18.10 -6.14 -4.00
CA LYS A 315 18.16 -7.54 -3.58
C LYS A 315 19.25 -7.77 -2.52
N SER A 316 18.98 -8.71 -1.59
CA SER A 316 19.89 -9.13 -0.52
C SER A 316 20.07 -10.66 -0.55
N ASP A 317 21.17 -11.17 0.05
CA ASP A 317 21.44 -12.61 0.16
C ASP A 317 20.60 -13.22 1.30
N CYS A 318 20.09 -12.38 2.22
CA CYS A 318 19.32 -12.78 3.40
C CYS A 318 18.23 -11.74 3.74
N GLY B 1 -1.79 15.36 -9.66
CA GLY B 1 -2.76 14.50 -10.31
C GLY B 1 -3.20 13.33 -9.45
N SER B 2 -2.41 12.99 -8.42
CA SER B 2 -2.76 11.89 -7.52
C SER B 2 -2.69 12.38 -6.08
N ALA B 3 -3.74 12.11 -5.27
CA ALA B 3 -3.80 12.57 -3.86
C ALA B 3 -2.63 12.10 -3.01
N ARG B 4 -2.19 10.86 -3.21
CA ARG B 4 -1.08 10.33 -2.41
C ARG B 4 0.26 11.05 -2.66
N ALA B 5 0.43 11.61 -3.86
CA ALA B 5 1.65 12.30 -4.29
C ALA B 5 1.72 13.74 -3.76
N GLU B 6 0.62 14.21 -3.13
CA GLU B 6 0.49 15.56 -2.54
C GLU B 6 0.64 15.50 -1.02
N PRO B 7 1.37 16.46 -0.40
CA PRO B 7 1.58 16.39 1.06
C PRO B 7 0.35 16.83 1.85
N LYS B 8 0.25 16.37 3.11
CA LYS B 8 -0.85 16.80 3.96
C LYS B 8 -0.49 18.19 4.47
N MET B 9 -1.17 19.21 3.92
CA MET B 9 -0.95 20.62 4.26
C MET B 9 -1.74 21.01 5.50
#